data_8ANF
#
_entry.id   8ANF
#
_cell.length_a   82.115
_cell.length_b   112.503
_cell.length_c   62.425
_cell.angle_alpha   90.00
_cell.angle_beta   90.00
_cell.angle_gamma   90.00
#
_symmetry.space_group_name_H-M   'C 2 2 21'
#
loop_
_entity.id
_entity.type
_entity.pdbx_description
1 polymer '14-3-3 protein sigma'
2 polymer 'Estrogen receptor'
3 non-polymer 'MAGNESIUM ION'
4 non-polymer 2-chloranyl-N-[3-[1-[2-(4-chloranylphenoxy)-2-methyl-propanoyl]piperidin-4-yl]propyl]ethanamide
5 water water
#
loop_
_entity_poly.entity_id
_entity_poly.type
_entity_poly.pdbx_seq_one_letter_code
_entity_poly.pdbx_strand_id
1 'polypeptide(L)'
;GAMGSMERASLIQKAKLAEQAERYEDMAAFMKGAVEKGEELSCEERNLLSVAYKNVVGGQRAAWRVLSSIEQKSNEEGSE
EKGPEVREYREKVETELQGVCDTVLGLLDSHLIKEAGDAESRVFYLKMKGDYYRYLAEVATGDDKKRIIDSARSAYQEAM
DISKKEMPPTNPIRLGLALNFSVFHYEIANSPEEAISLAKTTFDEAMADLHTLSEDSYKDSTLIMQLLRDNLTLWT
;
A
2 'polypeptide(L)' FPA(TPO)V B
#
loop_
_chem_comp.id
_chem_comp.type
_chem_comp.name
_chem_comp.formula
MG non-polymer 'MAGNESIUM ION' 'Mg 2'
N1R non-polymer 2-chloranyl-N-[3-[1-[2-(4-chloranylphenoxy)-2-methyl-propanoyl]piperidin-4-yl]propyl]ethanamide 'C20 H28 Cl2 N2 O3'
#
# COMPACT_ATOMS: atom_id res chain seq x y z
N GLY A 1 -1.61 20.83 13.93
CA GLY A 1 -1.87 19.41 14.27
C GLY A 1 -1.53 19.15 15.73
N ALA A 2 -2.14 18.10 16.29
CA ALA A 2 -2.00 17.76 17.69
C ALA A 2 -0.58 17.35 18.04
N MET A 3 0.20 16.91 17.05
CA MET A 3 1.62 16.55 17.25
C MET A 3 2.60 17.69 17.03
N GLY A 4 2.09 18.89 16.75
CA GLY A 4 2.94 20.02 16.47
C GLY A 4 3.89 20.43 17.55
N SER A 5 3.51 20.17 18.81
CA SER A 5 4.34 20.50 19.94
C SER A 5 5.34 19.45 20.35
N MET A 6 5.32 18.27 19.73
CA MET A 6 6.22 17.20 20.09
C MET A 6 7.43 17.17 19.18
N GLU A 7 8.60 16.97 19.80
CA GLU A 7 9.86 16.83 19.05
C GLU A 7 9.75 15.73 18.01
N ARG A 8 10.37 15.97 16.87
CA ARG A 8 10.46 14.94 15.81
C ARG A 8 11.03 13.62 16.37
N ALA A 9 12.13 13.68 17.11
CA ALA A 9 12.75 12.46 17.58
C ALA A 9 11.80 11.71 18.54
N SER A 10 11.06 12.46 19.36
CA SER A 10 10.12 11.85 20.30
C SER A 10 8.97 11.18 19.56
N LEU A 11 8.51 11.79 18.46
CA LEU A 11 7.45 11.17 17.65
C LEU A 11 7.93 9.84 17.08
N ILE A 12 9.16 9.82 16.57
CA ILE A 12 9.73 8.60 16.02
C ILE A 12 9.88 7.52 17.12
N GLN A 13 10.40 7.94 18.29
CA GLN A 13 10.51 7.03 19.42
C GLN A 13 9.17 6.41 19.78
N LYS A 14 8.15 7.25 19.87
CA LYS A 14 6.83 6.80 20.23
C LYS A 14 6.19 5.94 19.14
N ALA A 15 6.46 6.25 17.87
CA ALA A 15 5.99 5.36 16.79
C ALA A 15 6.51 3.94 16.99
N LYS A 16 7.79 3.82 17.37
CA LYS A 16 8.41 2.52 17.60
C LYS A 16 7.76 1.81 18.80
N LEU A 17 7.45 2.58 19.86
CA LEU A 17 6.74 2.01 21.02
C LEU A 17 5.34 1.53 20.65
N ALA A 18 4.63 2.35 19.88
CA ALA A 18 3.30 2.03 19.43
C ALA A 18 3.30 0.74 18.60
N GLU A 19 4.29 0.58 17.73
CA GLU A 19 4.45 -0.65 16.96
C GLU A 19 4.61 -1.86 17.89
N GLN A 20 5.46 -1.75 18.91
CA GLN A 20 5.68 -2.83 19.85
C GLN A 20 4.39 -3.21 20.60
N ALA A 21 3.57 -2.20 20.89
CA ALA A 21 2.28 -2.35 21.56
C ALA A 21 1.13 -2.70 20.62
N GLU A 22 1.40 -2.81 19.32
CA GLU A 22 0.39 -3.07 18.28
C GLU A 22 -0.74 -2.03 18.28
N ARG A 23 -0.32 -0.80 18.55
CA ARG A 23 -1.20 0.40 18.59
C ARG A 23 -0.99 1.15 17.27
N TYR A 24 -1.53 0.61 16.18
CA TYR A 24 -1.17 1.13 14.84
C TYR A 24 -1.82 2.48 14.55
N GLU A 25 -3.00 2.79 15.11
CA GLU A 25 -3.58 4.12 14.94
C GLU A 25 -2.68 5.17 15.57
N ASP A 26 -2.19 4.88 16.78
CA ASP A 26 -1.26 5.78 17.42
C ASP A 26 0.03 5.92 16.60
N MET A 27 0.55 4.77 16.14
CA MET A 27 1.79 4.74 15.36
C MET A 27 1.62 5.67 14.14
N ALA A 28 0.49 5.58 13.46
CA ALA A 28 0.26 6.38 12.27
C ALA A 28 0.18 7.87 12.59
N ALA A 29 -0.48 8.21 13.71
CA ALA A 29 -0.58 9.57 14.11
C ALA A 29 0.80 10.15 14.48
N PHE A 30 1.64 9.36 15.14
CA PHE A 30 2.99 9.81 15.45
C PHE A 30 3.78 10.03 14.16
N MET A 31 3.68 9.10 13.21
CA MET A 31 4.43 9.26 11.97
C MET A 31 3.93 10.41 11.10
N LYS A 32 2.62 10.66 11.09
CA LYS A 32 2.08 11.84 10.43
C LYS A 32 2.69 13.10 11.04
N GLY A 33 2.74 13.16 12.38
CA GLY A 33 3.38 14.27 13.04
C GLY A 33 4.83 14.44 12.61
N ALA A 34 5.56 13.33 12.53
CA ALA A 34 6.96 13.38 12.14
C ALA A 34 7.10 13.88 10.69
N VAL A 35 6.27 13.39 9.77
CA VAL A 35 6.32 13.89 8.39
C VAL A 35 6.06 15.39 8.34
N GLU A 36 5.09 15.86 9.10
CA GLU A 36 4.70 17.23 9.08
C GLU A 36 5.75 18.19 9.65
N LYS A 37 6.82 17.66 10.28
CA LYS A 37 7.95 18.49 10.64
C LYS A 37 8.68 19.08 9.43
N GLY A 38 8.48 18.46 8.26
CA GLY A 38 8.98 19.01 7.04
C GLY A 38 10.31 18.51 6.55
N GLU A 39 11.03 17.76 7.39
CA GLU A 39 12.29 17.17 7.00
C GLU A 39 12.04 15.87 6.23
N GLU A 40 12.97 15.53 5.33
CA GLU A 40 12.93 14.25 4.64
C GLU A 40 13.01 13.10 5.65
N LEU A 41 12.50 11.94 5.26
CA LEU A 41 12.52 10.74 6.09
C LEU A 41 13.71 9.89 5.73
N SER A 42 14.28 9.22 6.73
CA SER A 42 15.24 8.18 6.49
C SER A 42 14.56 6.88 6.02
N CYS A 43 15.36 5.89 5.65
CA CYS A 43 14.85 4.59 5.28
CA CYS A 43 14.85 4.59 5.28
C CYS A 43 14.01 3.96 6.39
N GLU A 44 14.53 3.97 7.61
CA GLU A 44 13.82 3.38 8.72
C GLU A 44 12.51 4.12 8.96
N GLU A 45 12.54 5.45 8.85
CA GLU A 45 11.35 6.25 9.10
C GLU A 45 10.29 6.00 8.01
N ARG A 46 10.71 5.82 6.75
CA ARG A 46 9.77 5.42 5.67
C ARG A 46 9.11 4.10 6.04
N ASN A 47 9.88 3.13 6.52
CA ASN A 47 9.32 1.85 6.91
C ASN A 47 8.27 2.03 8.01
N LEU A 48 8.57 2.86 9.01
CA LEU A 48 7.61 3.08 10.10
C LEU A 48 6.31 3.68 9.59
N LEU A 49 6.43 4.67 8.69
CA LEU A 49 5.27 5.32 8.12
C LEU A 49 4.40 4.29 7.38
N SER A 50 5.03 3.48 6.52
CA SER A 50 4.29 2.54 5.71
C SER A 50 3.66 1.44 6.58
N VAL A 51 4.39 0.94 7.58
CA VAL A 51 3.86 -0.10 8.44
C VAL A 51 2.61 0.40 9.17
N ALA A 52 2.68 1.63 9.68
CA ALA A 52 1.59 2.17 10.48
C ALA A 52 0.33 2.23 9.65
N TYR A 53 0.39 2.90 8.51
CA TYR A 53 -0.81 3.10 7.67
C TYR A 53 -1.25 1.79 7.02
N LYS A 54 -0.34 0.89 6.67
CA LYS A 54 -0.73 -0.39 6.08
C LYS A 54 -1.64 -1.16 7.05
N ASN A 55 -1.28 -1.13 8.33
CA ASN A 55 -1.99 -1.85 9.34
C ASN A 55 -3.34 -1.18 9.62
N VAL A 56 -3.38 0.15 9.69
CA VAL A 56 -4.65 0.83 9.93
C VAL A 56 -5.60 0.55 8.75
N VAL A 57 -5.15 0.80 7.52
CA VAL A 57 -6.07 0.65 6.37
C VAL A 57 -6.37 -0.82 6.13
N GLY A 58 -5.41 -1.71 6.45
CA GLY A 58 -5.65 -3.13 6.30
C GLY A 58 -6.82 -3.59 7.12
N GLY A 59 -6.91 -3.08 8.35
CA GLY A 59 -8.02 -3.41 9.23
C GLY A 59 -9.33 -2.87 8.67
N GLN A 60 -9.28 -1.63 8.17
CA GLN A 60 -10.49 -1.02 7.60
C GLN A 60 -10.98 -1.78 6.38
N ARG A 61 -10.06 -2.20 5.53
CA ARG A 61 -10.39 -2.97 4.31
C ARG A 61 -11.03 -4.30 4.72
N ALA A 62 -10.47 -4.98 5.72
CA ALA A 62 -11.04 -6.25 6.13
C ALA A 62 -12.48 -6.03 6.62
N ALA A 63 -12.69 -4.96 7.40
CA ALA A 63 -14.04 -4.67 7.94
C ALA A 63 -15.00 -4.32 6.81
N TRP A 64 -14.53 -3.51 5.86
CA TRP A 64 -15.34 -3.11 4.72
C TRP A 64 -15.78 -4.33 3.94
N ARG A 65 -14.88 -5.29 3.76
CA ARG A 65 -15.20 -6.51 2.98
C ARG A 65 -16.28 -7.32 3.71
N VAL A 66 -16.17 -7.44 5.04
CA VAL A 66 -17.20 -8.16 5.80
C VAL A 66 -18.56 -7.52 5.57
N LEU A 67 -18.59 -6.18 5.70
CA LEU A 67 -19.85 -5.45 5.62
C LEU A 67 -20.42 -5.47 4.20
N SER A 68 -19.55 -5.30 3.20
CA SER A 68 -19.99 -5.33 1.81
C SER A 68 -20.58 -6.70 1.46
N SER A 69 -20.01 -7.80 1.99
CA SER A 69 -20.55 -9.13 1.74
C SER A 69 -21.95 -9.29 2.33
N ILE A 70 -22.14 -8.77 3.55
CA ILE A 70 -23.46 -8.79 4.20
C ILE A 70 -24.45 -7.96 3.37
N GLU A 71 -24.01 -6.79 2.91
CA GLU A 71 -24.85 -5.92 2.11
C GLU A 71 -25.28 -6.60 0.80
N GLN A 72 -24.34 -7.27 0.15
CA GLN A 72 -24.60 -7.96 -1.11
C GLN A 72 -25.62 -9.06 -0.91
N LYS A 73 -25.45 -9.85 0.16
CA LYS A 73 -26.39 -10.91 0.50
C LYS A 73 -27.82 -10.37 0.77
N SER A 74 -27.89 -9.18 1.38
CA SER A 74 -29.17 -8.51 1.64
C SER A 74 -29.92 -8.12 0.38
N ASN A 75 -29.18 -7.92 -0.72
CA ASN A 75 -29.77 -7.50 -1.99
C ASN A 75 -30.00 -8.64 -2.99
N GLU A 76 -29.94 -9.88 -2.50
CA GLU A 76 -30.31 -11.07 -3.28
C GLU A 76 -31.80 -11.32 -3.15
N GLU A 77 -32.36 -12.09 -4.09
CA GLU A 77 -33.76 -12.50 -4.06
C GLU A 77 -33.98 -13.45 -2.88
N GLY A 78 -35.08 -13.20 -2.15
CA GLY A 78 -35.45 -14.02 -1.00
C GLY A 78 -34.95 -13.47 0.33
N SER A 79 -34.01 -12.52 0.28
CA SER A 79 -33.49 -11.85 1.47
C SER A 79 -34.54 -10.91 2.03
N GLU A 80 -34.76 -11.00 3.35
CA GLU A 80 -35.72 -10.15 4.06
C GLU A 80 -35.16 -8.73 4.14
N GLU A 81 -36.04 -7.74 3.93
CA GLU A 81 -35.68 -6.32 4.05
C GLU A 81 -35.38 -6.01 5.51
N LYS A 82 -34.21 -5.44 5.76
CA LYS A 82 -33.76 -5.14 7.13
C LYS A 82 -33.47 -3.67 7.35
N GLY A 83 -33.84 -2.85 6.37
CA GLY A 83 -33.69 -1.41 6.49
C GLY A 83 -32.32 -0.91 6.07
N PRO A 84 -32.01 0.37 6.35
CA PRO A 84 -30.83 1.02 5.81
C PRO A 84 -29.53 0.77 6.59
N GLU A 85 -29.61 0.02 7.69
CA GLU A 85 -28.49 -0.04 8.64
C GLU A 85 -27.23 -0.65 8.09
N VAL A 86 -27.34 -1.74 7.32
CA VAL A 86 -26.15 -2.35 6.73
C VAL A 86 -25.43 -1.38 5.79
N ARG A 87 -26.17 -0.76 4.88
CA ARG A 87 -25.60 0.24 3.96
C ARG A 87 -24.99 1.37 4.79
N GLU A 88 -25.71 1.88 5.79
CA GLU A 88 -25.19 3.01 6.55
C GLU A 88 -23.87 2.68 7.18
N TYR A 89 -23.77 1.51 7.79
CA TYR A 89 -22.56 1.17 8.55
C TYR A 89 -21.42 0.86 7.58
N ARG A 90 -21.72 0.22 6.45
CA ARG A 90 -20.68 0.02 5.41
C ARG A 90 -20.19 1.39 4.93
N GLU A 91 -21.10 2.33 4.72
CA GLU A 91 -20.70 3.67 4.35
C GLU A 91 -19.84 4.36 5.39
N LYS A 92 -20.15 4.16 6.67
CA LYS A 92 -19.38 4.75 7.74
C LYS A 92 -17.93 4.24 7.69
N VAL A 93 -17.77 2.92 7.60
CA VAL A 93 -16.44 2.34 7.53
C VAL A 93 -15.72 2.83 6.24
N GLU A 94 -16.44 2.83 5.13
CA GLU A 94 -15.92 3.30 3.86
C GLU A 94 -15.40 4.73 3.94
N THR A 95 -16.16 5.62 4.60
CA THR A 95 -15.78 7.02 4.70
C THR A 95 -14.52 7.16 5.55
N GLU A 96 -14.43 6.37 6.61
CA GLU A 96 -13.23 6.39 7.45
C GLU A 96 -12.01 5.90 6.68
N LEU A 97 -12.17 4.81 5.92
CA LEU A 97 -11.11 4.29 5.06
C LEU A 97 -10.64 5.34 4.06
N GLN A 98 -11.60 5.97 3.37
CA GLN A 98 -11.26 7.02 2.41
C GLN A 98 -10.51 8.15 3.08
N GLY A 99 -10.91 8.50 4.30
CA GLY A 99 -10.20 9.51 5.05
C GLY A 99 -8.74 9.20 5.32
N VAL A 100 -8.46 7.96 5.68
CA VAL A 100 -7.09 7.54 5.93
C VAL A 100 -6.29 7.57 4.61
N CYS A 101 -6.88 7.08 3.53
CA CYS A 101 -6.21 7.13 2.25
C CYS A 101 -5.89 8.56 1.85
N ASP A 102 -6.86 9.45 2.02
CA ASP A 102 -6.66 10.86 1.69
C ASP A 102 -5.55 11.49 2.54
N THR A 103 -5.48 11.08 3.81
CA THR A 103 -4.42 11.56 4.69
C THR A 103 -3.04 11.12 4.18
N VAL A 104 -2.89 9.85 3.83
CA VAL A 104 -1.61 9.36 3.34
C VAL A 104 -1.25 10.07 2.03
N LEU A 105 -2.20 10.11 1.09
CA LEU A 105 -1.95 10.77 -0.18
C LEU A 105 -1.55 12.23 0.03
N GLY A 106 -2.16 12.88 1.01
CA GLY A 106 -1.83 14.23 1.35
C GLY A 106 -0.41 14.41 1.84
N LEU A 107 0.09 13.46 2.65
CA LEU A 107 1.46 13.51 3.11
C LEU A 107 2.44 13.34 1.95
N LEU A 108 2.08 12.42 1.03
CA LEU A 108 2.92 12.18 -0.14
C LEU A 108 2.98 13.39 -1.03
N ASP A 109 1.84 14.07 -1.21
CA ASP A 109 1.77 15.25 -2.08
C ASP A 109 2.32 16.51 -1.41
N SER A 110 2.37 16.54 -0.08
CA SER A 110 2.77 17.72 0.68
C SER A 110 3.69 17.33 1.84
N HIS A 111 4.98 17.03 1.59
CA HIS A 111 5.69 17.23 0.33
C HIS A 111 6.71 16.12 0.09
N LEU A 112 6.37 14.89 0.49
CA LEU A 112 7.33 13.81 0.48
C LEU A 112 7.86 13.49 -0.91
N ILE A 113 6.97 13.34 -1.89
CA ILE A 113 7.39 12.97 -3.21
C ILE A 113 8.29 14.02 -3.86
N LYS A 114 7.88 15.28 -3.79
CA LYS A 114 8.64 16.30 -4.51
C LYS A 114 10.07 16.49 -3.99
N GLU A 115 10.30 16.14 -2.71
CA GLU A 115 11.64 16.27 -2.14
C GLU A 115 12.48 15.01 -2.26
N ALA A 116 11.88 13.90 -2.72
CA ALA A 116 12.56 12.60 -2.82
C ALA A 116 13.32 12.50 -4.12
N GLY A 117 14.64 12.59 -4.03
CA GLY A 117 15.51 12.52 -5.20
C GLY A 117 16.22 11.19 -5.43
N ASP A 118 16.45 10.44 -4.35
CA ASP A 118 17.13 9.16 -4.47
C ASP A 118 16.12 8.14 -4.96
N ALA A 119 16.58 7.18 -5.76
CA ALA A 119 15.68 6.22 -6.36
C ALA A 119 14.88 5.44 -5.31
N GLU A 120 15.53 5.00 -4.23
CA GLU A 120 14.82 4.20 -3.23
C GLU A 120 13.69 4.97 -2.61
N SER A 121 13.92 6.24 -2.30
CA SER A 121 12.89 7.02 -1.64
C SER A 121 11.76 7.32 -2.63
N ARG A 122 12.12 7.75 -3.84
CA ARG A 122 11.10 8.15 -4.83
C ARG A 122 10.23 6.94 -5.20
N VAL A 123 10.84 5.78 -5.44
CA VAL A 123 10.08 4.58 -5.77
C VAL A 123 9.18 4.18 -4.60
N PHE A 124 9.71 4.24 -3.37
CA PHE A 124 8.93 3.86 -2.21
C PHE A 124 7.67 4.72 -2.10
N TYR A 125 7.83 6.04 -2.22
CA TYR A 125 6.68 6.96 -2.07
C TYR A 125 5.69 6.81 -3.23
N LEU A 126 6.18 6.62 -4.46
CA LEU A 126 5.28 6.43 -5.58
C LEU A 126 4.52 5.10 -5.46
N LYS A 127 5.19 4.06 -4.97
CA LYS A 127 4.51 2.81 -4.65
C LYS A 127 3.38 3.05 -3.65
N MET A 128 3.68 3.79 -2.58
CA MET A 128 2.64 4.11 -1.58
C MET A 128 1.48 4.86 -2.25
N LYS A 129 1.79 5.82 -3.13
CA LYS A 129 0.72 6.56 -3.81
C LYS A 129 -0.15 5.60 -4.60
N GLY A 130 0.47 4.67 -5.32
CA GLY A 130 -0.29 3.67 -6.07
C GLY A 130 -1.16 2.83 -5.14
N ASP A 131 -0.57 2.39 -4.03
CA ASP A 131 -1.27 1.54 -3.06
C ASP A 131 -2.52 2.25 -2.53
N TYR A 132 -2.41 3.52 -2.13
CA TYR A 132 -3.55 4.20 -1.44
C TYR A 132 -4.61 4.58 -2.49
N TYR A 133 -4.21 4.91 -3.72
CA TYR A 133 -5.22 5.05 -4.80
C TYR A 133 -5.88 3.69 -5.06
N ARG A 134 -5.12 2.60 -5.01
CA ARG A 134 -5.71 1.25 -5.19
C ARG A 134 -6.77 0.98 -4.11
N TYR A 135 -6.50 1.36 -2.86
CA TYR A 135 -7.49 1.16 -1.79
C TYR A 135 -8.72 2.03 -2.05
N LEU A 136 -8.53 3.26 -2.52
CA LEU A 136 -9.67 4.07 -2.92
C LEU A 136 -10.46 3.41 -4.06
N ALA A 137 -9.74 2.78 -4.99
CA ALA A 137 -10.40 2.16 -6.13
C ALA A 137 -11.23 0.95 -5.71
N GLU A 138 -10.78 0.24 -4.65
CA GLU A 138 -11.50 -0.95 -4.19
C GLU A 138 -12.93 -0.60 -3.78
N VAL A 139 -13.14 0.62 -3.28
CA VAL A 139 -14.44 1.00 -2.76
C VAL A 139 -15.21 1.98 -3.66
N ALA A 140 -14.59 2.38 -4.77
CA ALA A 140 -15.15 3.35 -5.70
C ALA A 140 -16.23 2.70 -6.56
N THR A 141 -17.34 3.42 -6.69
CA THR A 141 -18.45 2.98 -7.52
C THR A 141 -19.02 4.06 -8.42
N GLY A 142 -18.48 5.28 -8.35
CA GLY A 142 -19.03 6.45 -9.05
C GLY A 142 -18.28 7.02 -10.26
N ASP A 143 -18.59 8.30 -10.57
CA ASP A 143 -18.09 9.06 -11.76
C ASP A 143 -16.56 9.06 -11.84
N ASP A 144 -15.91 9.02 -10.68
CA ASP A 144 -14.46 9.16 -10.57
C ASP A 144 -13.68 7.86 -10.53
N LYS A 145 -14.36 6.70 -10.57
CA LYS A 145 -13.70 5.42 -10.41
C LYS A 145 -12.58 5.26 -11.44
N LYS A 146 -12.86 5.59 -12.70
CA LYS A 146 -11.83 5.46 -13.73
C LYS A 146 -10.62 6.32 -13.45
N ARG A 147 -10.83 7.56 -13.00
CA ARG A 147 -9.72 8.52 -12.72
C ARG A 147 -8.98 7.99 -11.49
N ILE A 148 -9.65 7.39 -10.51
CA ILE A 148 -8.94 6.86 -9.35
C ILE A 148 -8.04 5.69 -9.75
N ILE A 149 -8.58 4.79 -10.58
CA ILE A 149 -7.80 3.67 -11.10
C ILE A 149 -6.61 4.20 -11.89
N ASP A 150 -6.83 5.23 -12.70
CA ASP A 150 -5.72 5.73 -13.50
C ASP A 150 -4.66 6.41 -12.65
N SER A 151 -5.07 7.05 -11.55
CA SER A 151 -4.11 7.66 -10.61
C SER A 151 -3.22 6.60 -9.99
N ALA A 152 -3.82 5.46 -9.61
CA ALA A 152 -3.03 4.36 -9.09
C ALA A 152 -2.04 3.87 -10.16
N ARG A 153 -2.55 3.61 -11.35
CA ARG A 153 -1.72 3.10 -12.47
C ARG A 153 -0.55 4.04 -12.73
N SER A 154 -0.84 5.34 -12.81
CA SER A 154 0.20 6.31 -13.13
C SER A 154 1.33 6.34 -12.11
N ALA A 155 0.97 6.28 -10.83
CA ALA A 155 1.95 6.30 -9.76
C ALA A 155 2.80 5.04 -9.82
N TYR A 156 2.16 3.87 -9.92
CA TYR A 156 2.88 2.59 -10.04
C TYR A 156 3.80 2.63 -11.27
N GLN A 157 3.30 3.14 -12.40
CA GLN A 157 4.12 3.10 -13.62
C GLN A 157 5.35 3.97 -13.48
N GLU A 158 5.20 5.17 -12.90
CA GLU A 158 6.36 6.04 -12.68
C GLU A 158 7.39 5.34 -11.77
N ALA A 159 6.90 4.68 -10.73
CA ALA A 159 7.76 3.95 -9.82
C ALA A 159 8.48 2.81 -10.55
N MET A 160 7.75 2.09 -11.41
CA MET A 160 8.32 0.97 -12.15
C MET A 160 9.43 1.49 -13.05
N ASP A 161 9.19 2.61 -13.73
CA ASP A 161 10.16 3.11 -14.69
C ASP A 161 11.49 3.47 -13.96
N ILE A 162 11.36 4.18 -12.83
CA ILE A 162 12.54 4.52 -12.03
C ILE A 162 13.25 3.26 -11.52
N SER A 163 12.46 2.33 -10.98
CA SER A 163 13.02 1.13 -10.36
C SER A 163 13.85 0.33 -11.39
N LYS A 164 13.34 0.22 -12.63
CA LYS A 164 14.04 -0.58 -13.62
C LYS A 164 15.34 0.07 -14.05
N LYS A 165 15.36 1.41 -14.06
CA LYS A 165 16.56 2.15 -14.47
C LYS A 165 17.63 2.19 -13.37
N GLU A 166 17.18 2.29 -12.11
CA GLU A 166 18.04 2.70 -11.01
C GLU A 166 18.36 1.67 -9.94
N MET A 167 17.64 0.55 -9.91
CA MET A 167 17.78 -0.45 -8.86
C MET A 167 18.00 -1.83 -9.46
N PRO A 168 18.75 -2.72 -8.76
CA PRO A 168 18.89 -4.09 -9.25
C PRO A 168 17.58 -4.84 -9.13
N PRO A 169 17.41 -5.91 -9.92
CA PRO A 169 16.16 -6.67 -9.94
C PRO A 169 15.84 -7.38 -8.62
N THR A 170 16.81 -7.51 -7.72
CA THR A 170 16.58 -8.08 -6.40
C THR A 170 16.28 -7.08 -5.30
N ASN A 171 16.32 -5.79 -5.63
CA ASN A 171 16.09 -4.78 -4.59
C ASN A 171 14.71 -4.98 -3.98
N PRO A 172 14.54 -5.08 -2.63
CA PRO A 172 13.23 -5.35 -2.04
C PRO A 172 12.17 -4.30 -2.39
N ILE A 173 12.56 -3.04 -2.54
CA ILE A 173 11.59 -2.02 -2.89
C ILE A 173 11.09 -2.25 -4.32
N ARG A 174 12.00 -2.54 -5.23
CA ARG A 174 11.62 -2.88 -6.63
C ARG A 174 10.70 -4.13 -6.63
N LEU A 175 11.07 -5.14 -5.86
CA LEU A 175 10.28 -6.35 -5.80
C LEU A 175 8.88 -6.11 -5.24
N GLY A 176 8.81 -5.35 -4.15
CA GLY A 176 7.53 -5.07 -3.51
C GLY A 176 6.62 -4.24 -4.39
N LEU A 177 7.19 -3.27 -5.09
CA LEU A 177 6.46 -2.50 -6.08
C LEU A 177 5.83 -3.39 -7.14
N ALA A 178 6.64 -4.30 -7.67
CA ALA A 178 6.16 -5.18 -8.73
C ALA A 178 5.05 -6.11 -8.24
N LEU A 179 5.25 -6.66 -7.04
CA LEU A 179 4.21 -7.49 -6.40
C LEU A 179 2.88 -6.74 -6.34
N ASN A 180 2.91 -5.51 -5.84
CA ASN A 180 1.69 -4.74 -5.65
C ASN A 180 1.07 -4.27 -6.97
N PHE A 181 1.90 -3.86 -7.93
CA PHE A 181 1.40 -3.45 -9.23
C PHE A 181 0.77 -4.63 -9.94
N SER A 182 1.36 -5.82 -9.79
CA SER A 182 0.75 -7.03 -10.33
C SER A 182 -0.62 -7.29 -9.73
N VAL A 183 -0.75 -7.14 -8.43
CA VAL A 183 -2.08 -7.26 -7.78
C VAL A 183 -3.06 -6.19 -8.32
N PHE A 184 -2.60 -4.95 -8.49
CA PHE A 184 -3.41 -3.92 -9.13
C PHE A 184 -3.94 -4.42 -10.47
N HIS A 185 -3.07 -4.98 -11.32
CA HIS A 185 -3.52 -5.47 -12.61
C HIS A 185 -4.62 -6.51 -12.47
N TYR A 186 -4.43 -7.44 -11.53
CA TYR A 186 -5.34 -8.61 -11.40
C TYR A 186 -6.69 -8.18 -10.79
N GLU A 187 -6.64 -7.40 -9.72
CA GLU A 187 -7.80 -7.12 -8.89
C GLU A 187 -8.55 -5.86 -9.25
N ILE A 188 -7.84 -4.88 -9.81
CA ILE A 188 -8.39 -3.54 -10.04
C ILE A 188 -8.61 -3.25 -11.53
N ALA A 189 -7.59 -3.55 -12.36
CA ALA A 189 -7.61 -3.16 -13.77
C ALA A 189 -8.18 -4.23 -14.68
N ASN A 190 -8.60 -5.36 -14.11
CA ASN A 190 -9.18 -6.45 -14.91
C ASN A 190 -8.22 -6.93 -15.99
N SER A 191 -6.95 -7.06 -15.62
CA SER A 191 -5.88 -7.44 -16.54
C SER A 191 -5.08 -8.59 -15.96
N PRO A 192 -5.70 -9.78 -15.79
CA PRO A 192 -5.00 -10.87 -15.14
C PRO A 192 -3.76 -11.37 -15.91
N GLU A 193 -3.79 -11.32 -17.25
CA GLU A 193 -2.60 -11.70 -18.01
C GLU A 193 -1.42 -10.78 -17.73
N GLU A 194 -1.67 -9.47 -17.64
CA GLU A 194 -0.61 -8.53 -17.31
C GLU A 194 -0.09 -8.77 -15.90
N ALA A 195 -0.99 -9.07 -14.96
CA ALA A 195 -0.60 -9.40 -13.60
C ALA A 195 0.36 -10.59 -13.53
N ILE A 196 0.00 -11.65 -14.24
CA ILE A 196 0.78 -12.88 -14.29
C ILE A 196 2.13 -12.64 -14.96
N SER A 197 2.12 -11.95 -16.10
CA SER A 197 3.35 -11.64 -16.84
C SER A 197 4.32 -10.85 -15.96
N LEU A 198 3.79 -9.85 -15.27
CA LEU A 198 4.62 -9.01 -14.42
C LEU A 198 5.23 -9.83 -13.28
N ALA A 199 4.40 -10.61 -12.60
CA ALA A 199 4.92 -11.39 -11.47
C ALA A 199 5.99 -12.40 -11.94
N LYS A 200 5.75 -13.04 -13.08
CA LYS A 200 6.69 -14.06 -13.60
C LYS A 200 8.02 -13.40 -14.02
N THR A 201 7.95 -12.31 -14.79
CA THR A 201 9.16 -11.68 -15.25
C THR A 201 9.95 -11.13 -14.05
N THR A 202 9.24 -10.53 -13.10
CA THR A 202 9.90 -10.00 -11.91
C THR A 202 10.62 -11.12 -11.14
N PHE A 203 9.93 -12.24 -10.93
CA PHE A 203 10.50 -13.39 -10.23
C PHE A 203 11.78 -13.87 -10.96
N ASP A 204 11.68 -14.03 -12.27
CA ASP A 204 12.74 -14.64 -13.04
C ASP A 204 13.98 -13.74 -13.10
N GLU A 205 13.76 -12.44 -13.22
CA GLU A 205 14.87 -11.50 -13.27
C GLU A 205 15.55 -11.37 -11.92
N ALA A 206 14.77 -11.51 -10.83
CA ALA A 206 15.36 -11.54 -9.52
C ALA A 206 16.20 -12.80 -9.30
N MET A 207 15.65 -13.95 -9.69
CA MET A 207 16.34 -15.24 -9.56
C MET A 207 17.76 -15.17 -10.15
N ALA A 208 17.84 -14.58 -11.34
CA ALA A 208 19.08 -14.46 -12.07
C ALA A 208 20.12 -13.54 -11.43
N ASP A 209 19.69 -12.69 -10.49
CA ASP A 209 20.57 -11.72 -9.81
C ASP A 209 20.92 -12.11 -8.36
N LEU A 210 20.32 -13.20 -7.85
CA LEU A 210 20.58 -13.61 -6.46
C LEU A 210 22.06 -13.91 -6.20
N HIS A 211 22.77 -14.35 -7.25
CA HIS A 211 24.19 -14.74 -7.09
C HIS A 211 25.09 -13.63 -6.64
N THR A 212 24.62 -12.38 -6.80
CA THR A 212 25.38 -11.17 -6.47
C THR A 212 25.28 -10.78 -5.02
N LEU A 213 24.38 -11.43 -4.28
CA LEU A 213 23.95 -10.99 -2.96
C LEU A 213 24.66 -11.68 -1.80
N SER A 214 24.77 -10.95 -0.70
CA SER A 214 25.12 -11.50 0.58
C SER A 214 23.99 -12.39 1.10
N GLU A 215 24.29 -13.16 2.15
CA GLU A 215 23.28 -14.02 2.77
C GLU A 215 22.09 -13.20 3.25
N ASP A 216 22.37 -12.07 3.88
CA ASP A 216 21.31 -11.26 4.43
C ASP A 216 20.43 -10.65 3.32
N SER A 217 21.05 -10.15 2.25
CA SER A 217 20.30 -9.57 1.13
C SER A 217 19.48 -10.65 0.44
N TYR A 218 20.07 -11.84 0.32
CA TYR A 218 19.39 -13.01 -0.25
C TYR A 218 18.10 -13.33 0.52
N LYS A 219 18.17 -13.32 1.85
CA LYS A 219 17.00 -13.58 2.66
C LYS A 219 15.87 -12.58 2.36
N ASP A 220 16.23 -11.30 2.31
CA ASP A 220 15.28 -10.23 2.08
C ASP A 220 14.62 -10.39 0.71
N SER A 221 15.44 -10.64 -0.33
CA SER A 221 14.90 -10.72 -1.67
C SER A 221 14.02 -11.97 -1.87
N THR A 222 14.51 -13.12 -1.37
CA THR A 222 13.80 -14.36 -1.57
C THR A 222 12.45 -14.39 -0.85
N LEU A 223 12.32 -13.64 0.25
CA LEU A 223 11.04 -13.57 0.95
C LEU A 223 9.99 -12.98 0.03
N ILE A 224 10.34 -11.88 -0.65
CA ILE A 224 9.36 -11.24 -1.53
C ILE A 224 9.16 -12.06 -2.80
N MET A 225 10.22 -12.71 -3.29
CA MET A 225 10.06 -13.60 -4.41
C MET A 225 9.05 -14.72 -4.13
N GLN A 226 9.03 -15.21 -2.89
CA GLN A 226 8.07 -16.23 -2.55
C GLN A 226 6.64 -15.71 -2.58
N LEU A 227 6.44 -14.43 -2.23
CA LEU A 227 5.12 -13.81 -2.37
C LEU A 227 4.68 -13.74 -3.84
N LEU A 228 5.59 -13.40 -4.74
CA LEU A 228 5.29 -13.42 -6.16
C LEU A 228 4.86 -14.81 -6.58
N ARG A 229 5.61 -15.82 -6.14
CA ARG A 229 5.31 -17.23 -6.46
C ARG A 229 3.94 -17.60 -5.89
N ASP A 230 3.65 -17.18 -4.66
CA ASP A 230 2.38 -17.50 -4.03
C ASP A 230 1.22 -16.95 -4.88
N ASN A 231 1.34 -15.71 -5.32
CA ASN A 231 0.32 -15.13 -6.17
C ASN A 231 0.20 -15.85 -7.49
N LEU A 232 1.32 -16.16 -8.12
CA LEU A 232 1.29 -16.93 -9.37
C LEU A 232 0.55 -18.25 -9.20
N THR A 233 0.80 -18.92 -8.08
CA THR A 233 0.13 -20.18 -7.76
C THR A 233 -1.39 -20.01 -7.61
N LEU A 234 -1.79 -18.91 -6.96
CA LEU A 234 -3.19 -18.57 -6.79
C LEU A 234 -3.87 -18.33 -8.16
N TRP A 235 -3.12 -17.73 -9.09
CA TRP A 235 -3.66 -17.25 -10.36
C TRP A 235 -3.58 -18.19 -11.55
N THR A 236 -2.85 -19.29 -11.40
CA THR A 236 -2.62 -20.26 -12.48
C THR A 236 -2.94 -21.71 -12.06
N PHE B 1 -7.36 -13.49 -0.61
CA PHE B 1 -6.77 -12.25 -1.21
C PHE B 1 -5.29 -12.46 -1.51
N PRO B 2 -4.76 -11.85 -2.59
CA PRO B 2 -3.36 -12.02 -2.96
C PRO B 2 -2.43 -11.22 -2.03
N ALA B 3 -1.16 -11.58 -2.03
CA ALA B 3 -0.17 -10.98 -1.19
C ALA B 3 0.25 -9.62 -1.76
N TPO B 4 0.32 -8.64 -0.88
CA TPO B 4 0.91 -7.31 -1.12
CB TPO B 4 -0.17 -6.27 -1.42
CG2 TPO B 4 -0.93 -6.56 -2.69
OG1 TPO B 4 -1.07 -6.29 -0.27
P TPO B 4 -2.19 -5.14 -0.03
O1P TPO B 4 -2.55 -5.35 1.43
O2P TPO B 4 -3.33 -5.42 -0.97
O3P TPO B 4 -1.54 -3.81 -0.35
C TPO B 4 1.77 -6.92 0.08
O TPO B 4 1.55 -7.47 1.17
N VAL B 5 2.72 -6.01 -0.14
CA VAL B 5 3.57 -5.51 0.93
C VAL B 5 3.54 -4.04 1.12
MG MG C . 6.65 -5.45 -19.51
MG MG D . 12.81 20.28 17.28
MG MG E . -19.40 6.08 -0.14
C10 N1R F . 12.47 -4.46 3.29
C15 N1R F . 8.41 -7.32 2.92
C20 N1R F . 8.99 -3.70 0.07
C21 N1R F . 8.28 -2.53 0.09
C24 N1R F . 7.41 -3.02 2.25
C26 N1R F . 10.62 -2.29 3.83
C01 N1R F . 15.98 2.60 2.18
C02 N1R F . 14.47 2.78 2.17
C05 N1R F . 12.35 1.86 2.99
C06 N1R F . 11.90 0.60 3.66
C07 N1R F . 12.20 -0.62 2.77
C08 N1R F . 12.06 -1.97 3.44
C09 N1R F . 12.59 -3.12 2.59
C12 N1R F . 10.44 -5.82 3.29
C14 N1R F . 8.96 -6.11 3.67
C16 N1R F . 8.89 -6.37 5.18
C18 N1R F . 8.12 -4.22 2.24
C19 N1R F . 8.92 -4.54 1.16
C23 N1R F . 7.49 -2.17 1.15
C25 N1R F . 10.51 -3.63 4.52
N04 N1R F . 13.80 1.85 2.84
N11 N1R F . 11.07 -4.70 3.68
O03 N1R F . 13.94 3.75 1.58
O13 N1R F . 11.03 -6.65 2.60
O17 N1R F . 8.03 -5.03 3.36
CL22 N1R F . 8.39 -1.45 -1.26
#